data_1HMP
#
_entry.id   1HMP
#
_cell.length_a   129.500
_cell.length_b   66.450
_cell.length_c   52.900
_cell.angle_alpha   90.00
_cell.angle_beta   90.00
_cell.angle_gamma   90.00
#
_symmetry.space_group_name_H-M   'P 21 21 2'
#
loop_
_entity.id
_entity.type
_entity.pdbx_description
1 polymer 'HYPOXANTHINE GUANINE PHOSPHORIBOSYL-TRANSFERASE'
2 non-polymer "GUANOSINE-5'-MONOPHOSPHATE"
3 water water
#
_entity_poly.entity_id   1
_entity_poly.type   'polypeptide(L)'
_entity_poly.pdbx_seq_one_letter_code
;ATRSPGVVISDDEPGYDLDLFCIPNHYAEDLERVFIPHGLIMDRTERLARDVMKEMGGHHIVALCVLKGGYKFFADLLDY
IKALNRNSDRSIPMTVDFIRLKSYCNDQSTGDIKVIGGDDLSTLTGKNVLIVEDIIDTGKTMQTLLSLVRQYNPKMVKVA
SLLVKRTPRSVGYKPDFVGFEIPDKFVVGYALDYNEYFRDLNHVCVISETGKAKYKA
;
_entity_poly.pdbx_strand_id   A,B
#
loop_
_chem_comp.id
_chem_comp.type
_chem_comp.name
_chem_comp.formula
5GP non-polymer GUANOSINE-5'-MONOPHOSPHATE 'C10 H14 N5 O8 P'
#
# COMPACT_ATOMS: atom_id res chain seq x y z
N SER A 4 25.25 -8.79 3.19
CA SER A 4 24.80 -8.23 4.45
C SER A 4 23.73 -9.07 5.14
N PRO A 5 23.85 -9.28 6.45
CA PRO A 5 22.83 -10.02 7.18
C PRO A 5 21.86 -9.01 7.75
N GLY A 6 22.01 -7.82 7.24
CA GLY A 6 21.25 -6.75 7.77
C GLY A 6 21.75 -6.56 9.19
N VAL A 7 20.97 -5.90 9.97
CA VAL A 7 21.37 -5.70 11.31
C VAL A 7 21.03 -6.96 12.10
N VAL A 8 22.04 -7.60 12.74
CA VAL A 8 21.79 -8.84 13.51
C VAL A 8 21.35 -8.64 14.95
N ILE A 9 20.35 -9.42 15.36
CA ILE A 9 19.80 -9.36 16.72
C ILE A 9 19.82 -10.71 17.43
N SER A 10 20.98 -10.99 18.04
CA SER A 10 21.28 -12.23 18.75
C SER A 10 20.13 -12.70 19.62
N ASP A 11 20.00 -14.00 19.73
CA ASP A 11 18.95 -14.61 20.54
C ASP A 11 18.81 -14.02 21.92
N ASP A 12 19.91 -13.56 22.42
CA ASP A 12 19.87 -13.09 23.76
C ASP A 12 19.47 -11.62 23.92
N GLU A 13 19.25 -10.91 22.78
CA GLU A 13 18.82 -9.49 22.87
C GLU A 13 17.59 -9.40 23.78
N PRO A 14 17.61 -8.52 24.73
CA PRO A 14 16.48 -8.37 25.61
C PRO A 14 15.49 -7.28 25.17
N GLY A 15 15.76 -6.52 24.09
CA GLY A 15 14.85 -5.48 23.64
C GLY A 15 14.96 -4.19 24.47
N TYR A 16 13.80 -3.61 24.81
CA TYR A 16 13.66 -2.40 25.60
C TYR A 16 12.36 -2.45 26.38
N ASP A 17 12.26 -1.84 27.53
CA ASP A 17 11.00 -1.95 28.19
C ASP A 17 10.03 -0.90 27.70
N LEU A 18 8.76 -1.23 27.76
CA LEU A 18 7.69 -0.43 27.25
C LEU A 18 7.77 1.00 27.63
N ASP A 19 8.37 1.21 28.77
CA ASP A 19 8.53 2.47 29.47
C ASP A 19 9.27 3.57 28.75
N LEU A 20 10.14 3.22 27.86
CA LEU A 20 10.96 4.22 27.23
C LEU A 20 10.46 4.79 25.96
N PHE A 21 9.44 4.15 25.34
CA PHE A 21 8.87 4.60 24.07
C PHE A 21 7.36 4.91 24.20
N CYS A 22 6.81 5.38 23.09
CA CYS A 22 5.40 5.62 23.11
C CYS A 22 4.66 4.34 22.66
N ILE A 23 3.78 3.87 23.50
CA ILE A 23 3.01 2.78 23.05
C ILE A 23 1.57 2.95 23.45
N PRO A 24 0.66 2.40 22.64
CA PRO A 24 -0.72 2.55 23.03
C PRO A 24 -0.95 1.88 24.38
N ASN A 25 -1.76 2.48 25.25
CA ASN A 25 -2.02 1.85 26.56
C ASN A 25 -2.85 0.57 26.43
N HIS A 26 -3.65 0.51 25.37
CA HIS A 26 -4.49 -0.65 25.17
C HIS A 26 -3.74 -1.92 24.77
N TYR A 27 -2.42 -1.82 24.53
CA TYR A 27 -1.57 -2.94 24.17
C TYR A 27 -0.42 -3.01 25.16
N ALA A 28 -0.59 -2.27 26.23
CA ALA A 28 0.47 -2.23 27.19
C ALA A 28 0.48 -3.44 28.09
N GLU A 29 -0.10 -4.52 27.65
CA GLU A 29 -0.18 -5.63 28.50
C GLU A 29 -0.04 -6.82 27.63
N ASP A 30 -0.15 -6.50 26.35
CA ASP A 30 -0.10 -7.47 25.26
C ASP A 30 1.25 -7.62 24.63
N LEU A 31 2.25 -6.91 25.18
CA LEU A 31 3.62 -6.95 24.65
C LEU A 31 4.63 -7.23 25.74
N GLU A 32 5.73 -7.88 25.36
CA GLU A 32 6.80 -8.14 26.27
C GLU A 32 7.88 -7.04 26.30
N ARG A 33 8.37 -6.57 25.12
CA ARG A 33 9.40 -5.51 25.01
C ARG A 33 9.48 -4.86 23.58
N VAL A 34 10.07 -3.65 23.43
CA VAL A 34 10.21 -3.08 22.10
C VAL A 34 11.30 -3.78 21.45
N PHE A 35 11.03 -4.25 20.30
CA PHE A 35 12.05 -4.97 19.67
C PHE A 35 12.82 -4.11 18.72
N ILE A 36 12.13 -3.41 17.79
CA ILE A 36 12.75 -2.51 16.80
C ILE A 36 11.80 -1.39 16.64
N PRO A 37 12.24 -0.32 17.17
CA PRO A 37 11.46 0.88 17.17
C PRO A 37 11.33 1.44 15.78
N HIS A 38 10.16 2.03 15.50
CA HIS A 38 9.85 2.68 14.21
C HIS A 38 11.00 3.39 13.52
N GLY A 39 11.53 4.45 14.09
CA GLY A 39 12.61 5.23 13.47
C GLY A 39 13.77 4.38 13.05
N LEU A 40 14.11 3.41 13.91
CA LEU A 40 15.17 2.46 13.59
C LEU A 40 14.84 1.78 12.32
N ILE A 41 13.58 1.28 12.26
CA ILE A 41 13.04 0.65 11.03
C ILE A 41 13.34 1.57 9.80
N MET A 42 12.75 2.74 9.87
CA MET A 42 12.95 3.83 8.95
C MET A 42 14.38 4.03 8.44
N ASP A 43 15.35 4.20 9.33
CA ASP A 43 16.72 4.43 8.88
C ASP A 43 17.31 3.28 8.05
N ARG A 44 16.95 2.06 8.50
CA ARG A 44 17.44 0.87 7.82
C ARG A 44 16.84 0.80 6.43
N THR A 45 15.52 1.01 6.36
CA THR A 45 14.87 1.02 5.07
C THR A 45 15.50 2.03 4.10
N GLU A 46 15.93 3.18 4.60
CA GLU A 46 16.52 4.14 3.71
C GLU A 46 17.79 3.58 3.08
N ARG A 47 18.58 2.97 3.91
CA ARG A 47 19.75 2.30 3.46
C ARG A 47 19.44 1.30 2.35
N LEU A 48 18.57 0.39 2.68
CA LEU A 48 18.10 -0.67 1.80
C LEU A 48 17.77 -0.23 0.41
N ALA A 49 16.97 0.86 0.31
CA ALA A 49 16.55 1.52 -0.96
C ALA A 49 17.76 1.83 -1.84
N ARG A 50 18.83 2.33 -1.20
CA ARG A 50 20.06 2.67 -1.88
C ARG A 50 20.67 1.41 -2.40
N ASP A 51 20.56 0.42 -1.55
CA ASP A 51 21.14 -0.85 -1.85
C ASP A 51 20.43 -1.44 -3.08
N VAL A 52 19.11 -1.43 -3.09
CA VAL A 52 18.36 -1.90 -4.23
C VAL A 52 18.74 -1.18 -5.52
N MET A 53 18.70 0.13 -5.51
CA MET A 53 19.04 0.86 -6.71
C MET A 53 20.46 0.65 -7.17
N LYS A 54 21.32 0.16 -6.26
CA LYS A 54 22.70 -0.16 -6.64
C LYS A 54 22.66 -1.12 -7.80
N GLU A 55 21.81 -2.13 -7.63
CA GLU A 55 21.64 -3.23 -8.54
C GLU A 55 20.65 -3.01 -9.68
N MET A 56 19.46 -2.58 -9.25
CA MET A 56 18.25 -2.46 -10.05
C MET A 56 18.08 -1.13 -10.76
N GLY A 57 18.73 -0.15 -10.18
CA GLY A 57 18.61 1.21 -10.61
C GLY A 57 18.96 1.33 -12.06
N GLY A 58 18.31 2.36 -12.72
CA GLY A 58 18.47 2.75 -14.15
C GLY A 58 17.56 1.97 -15.13
N HIS A 59 16.65 1.20 -14.62
CA HIS A 59 15.86 0.41 -15.45
C HIS A 59 14.44 0.39 -15.03
N HIS A 60 13.61 -0.02 -15.95
CA HIS A 60 12.25 -0.16 -15.62
C HIS A 60 12.16 -1.28 -14.61
N ILE A 61 11.84 -0.96 -13.35
CA ILE A 61 11.73 -1.98 -12.33
C ILE A 61 10.29 -2.29 -12.09
N VAL A 62 9.98 -3.59 -11.93
CA VAL A 62 8.68 -4.06 -11.55
C VAL A 62 8.75 -4.49 -10.11
N ALA A 63 8.03 -3.72 -9.31
CA ALA A 63 7.93 -3.91 -7.91
C ALA A 63 6.74 -4.72 -7.64
N LEU A 64 7.02 -5.88 -7.11
CA LEU A 64 6.02 -6.85 -6.79
C LEU A 64 5.87 -6.95 -5.31
N CYS A 65 4.63 -6.91 -4.83
CA CYS A 65 4.35 -7.02 -3.41
C CYS A 65 3.68 -8.34 -3.03
N VAL A 66 4.23 -8.98 -2.02
CA VAL A 66 3.77 -10.21 -1.43
C VAL A 66 2.88 -9.82 -0.27
N LEU A 67 1.56 -10.06 -0.47
CA LEU A 67 0.39 -9.63 0.30
C LEU A 67 -0.28 -10.47 1.42
N LYS A 68 0.40 -10.70 2.57
CA LYS A 68 -0.31 -11.33 3.68
C LYS A 68 -1.40 -10.39 4.15
N GLY A 69 -1.10 -9.74 5.28
CA GLY A 69 -2.04 -8.86 5.96
C GLY A 69 -1.72 -7.39 5.88
N GLY A 70 -0.79 -7.06 5.03
CA GLY A 70 -0.48 -5.67 4.93
C GLY A 70 0.42 -5.33 3.78
N TYR A 71 0.60 -4.06 3.77
CA TYR A 71 1.17 -3.23 2.81
C TYR A 71 2.34 -2.34 3.30
N LYS A 72 2.28 -1.95 4.57
CA LYS A 72 3.18 -0.94 5.09
C LYS A 72 4.63 -0.86 4.64
N PHE A 73 5.33 -1.94 4.75
CA PHE A 73 6.73 -1.91 4.44
C PHE A 73 7.03 -1.55 3.02
N PHE A 74 6.32 -2.19 2.19
CA PHE A 74 6.43 -1.99 0.78
C PHE A 74 6.34 -0.50 0.46
N ALA A 75 5.22 0.08 0.88
CA ALA A 75 4.86 1.46 0.66
C ALA A 75 5.99 2.31 1.09
N ASP A 76 6.41 2.06 2.30
CA ASP A 76 7.54 2.81 2.78
C ASP A 76 8.77 2.68 1.90
N LEU A 77 9.13 1.48 1.60
CA LEU A 77 10.35 1.24 0.85
C LEU A 77 10.28 2.03 -0.43
N LEU A 78 9.14 1.84 -1.12
CA LEU A 78 8.92 2.51 -2.41
C LEU A 78 9.09 4.02 -2.41
N ASP A 79 8.75 4.70 -1.29
CA ASP A 79 8.97 6.13 -1.21
C ASP A 79 10.47 6.44 -1.28
N TYR A 80 11.24 5.55 -0.72
CA TYR A 80 12.65 5.78 -0.80
C TYR A 80 13.12 5.52 -2.23
N ILE A 81 12.57 4.51 -2.90
CA ILE A 81 13.01 4.26 -4.27
C ILE A 81 12.62 5.35 -5.25
N LYS A 82 11.34 5.71 -5.24
CA LYS A 82 10.78 6.79 -6.06
C LYS A 82 11.68 8.00 -5.96
N ALA A 83 11.85 8.43 -4.69
CA ALA A 83 12.73 9.51 -4.26
C ALA A 83 14.14 9.41 -4.81
N LEU A 84 14.57 8.22 -5.17
CA LEU A 84 15.86 8.11 -5.78
C LEU A 84 15.74 8.22 -7.28
N ASN A 85 14.58 7.84 -7.82
CA ASN A 85 14.38 7.92 -9.25
C ASN A 85 14.07 9.34 -9.70
N ARG A 86 14.09 10.23 -8.74
CA ARG A 86 13.80 11.60 -9.05
C ARG A 86 14.97 12.19 -9.83
N ASN A 87 16.17 11.74 -9.46
CA ASN A 87 17.42 12.30 -9.97
C ASN A 87 17.88 11.92 -11.34
N SER A 88 17.18 10.99 -11.97
CA SER A 88 17.59 10.58 -13.29
C SER A 88 17.39 11.61 -14.39
N ASP A 89 18.33 11.62 -15.26
CA ASP A 89 18.29 12.51 -16.38
C ASP A 89 17.34 11.95 -17.39
N ARG A 90 16.67 10.89 -17.02
CA ARG A 90 15.79 10.24 -17.96
C ARG A 90 14.61 9.66 -17.22
N SER A 91 13.37 9.90 -17.64
CA SER A 91 12.31 9.30 -16.82
C SER A 91 12.15 7.77 -17.06
N ILE A 92 12.14 6.99 -15.98
CA ILE A 92 12.04 5.52 -16.09
C ILE A 92 10.79 5.05 -15.38
N PRO A 93 10.06 4.16 -16.03
CA PRO A 93 8.83 3.69 -15.44
C PRO A 93 9.11 2.81 -14.24
N MET A 94 8.02 2.60 -13.51
CA MET A 94 7.96 1.72 -12.39
C MET A 94 6.64 1.02 -12.47
N THR A 95 6.62 -0.21 -12.12
CA THR A 95 5.39 -0.90 -12.16
C THR A 95 5.18 -1.41 -10.75
N VAL A 96 3.96 -1.31 -10.22
CA VAL A 96 3.75 -1.77 -8.86
C VAL A 96 2.78 -2.92 -8.86
N ASP A 97 3.04 -3.99 -8.16
CA ASP A 97 2.03 -5.00 -8.23
C ASP A 97 1.76 -5.70 -6.93
N PHE A 98 0.62 -6.36 -6.86
CA PHE A 98 0.19 -7.04 -5.65
C PHE A 98 -0.24 -8.45 -5.93
N ILE A 99 0.40 -9.30 -5.20
CA ILE A 99 0.11 -10.64 -5.40
C ILE A 99 -0.15 -11.36 -4.10
N ARG A 100 -1.38 -11.89 -4.01
CA ARG A 100 -1.84 -12.73 -2.90
C ARG A 100 -1.58 -14.16 -3.38
N LEU A 101 -0.99 -15.01 -2.54
CA LEU A 101 -0.64 -16.33 -3.03
C LEU A 101 -1.04 -17.47 -2.13
N LYS A 102 -1.15 -17.17 -0.82
CA LYS A 102 -1.51 -18.16 0.16
C LYS A 102 -2.67 -18.99 -0.33
N SER A 103 -2.35 -20.02 -1.12
CA SER A 103 -3.37 -20.94 -1.63
C SER A 103 -3.69 -21.82 -0.46
N TYR A 104 -3.82 -23.10 -0.65
CA TYR A 104 -3.86 -23.89 0.54
C TYR A 104 -2.43 -24.33 0.63
N CYS A 105 -2.17 -25.40 -0.09
CA CYS A 105 -0.85 -25.86 -0.41
C CYS A 105 -0.69 -25.28 -1.80
N ASN A 106 -1.00 -26.11 -2.74
CA ASN A 106 -1.07 -25.78 -4.14
C ASN A 106 -2.15 -26.72 -4.64
N ASP A 107 -1.83 -28.02 -4.41
CA ASP A 107 -2.67 -29.17 -4.65
C ASP A 107 -3.59 -29.01 -5.83
N GLN A 108 -3.01 -28.55 -6.93
CA GLN A 108 -3.77 -28.36 -8.14
C GLN A 108 -5.08 -27.57 -7.90
N SER A 109 -5.80 -27.27 -8.98
CA SER A 109 -7.02 -26.47 -9.01
C SER A 109 -6.94 -25.46 -10.10
N THR A 110 -8.10 -25.11 -10.58
CA THR A 110 -8.24 -24.46 -11.83
C THR A 110 -8.68 -22.99 -12.01
N GLY A 111 -8.40 -22.61 -13.26
CA GLY A 111 -8.71 -21.43 -14.07
C GLY A 111 -9.01 -20.13 -13.37
N ASP A 112 -9.96 -20.16 -12.45
CA ASP A 112 -10.41 -18.97 -11.71
C ASP A 112 -9.27 -17.99 -11.23
N ILE A 113 -8.46 -18.43 -10.23
CA ILE A 113 -7.34 -17.66 -9.69
C ILE A 113 -6.11 -18.57 -9.46
N LYS A 114 -5.11 -18.56 -10.37
CA LYS A 114 -3.92 -19.42 -10.18
C LYS A 114 -2.81 -19.29 -11.27
N VAL A 115 -2.98 -20.11 -12.34
CA VAL A 115 -2.10 -20.22 -13.52
C VAL A 115 -2.23 -19.00 -14.47
N ILE A 116 -3.50 -18.52 -14.61
CA ILE A 116 -3.92 -17.40 -15.48
C ILE A 116 -3.80 -16.00 -14.85
N GLY A 117 -3.09 -16.02 -13.75
CA GLY A 117 -2.70 -14.87 -12.97
C GLY A 117 -1.23 -14.73 -13.28
N GLY A 118 -0.95 -15.33 -14.43
CA GLY A 118 0.31 -15.39 -15.11
C GLY A 118 0.11 -14.64 -16.41
N ASP A 119 -1.16 -14.49 -16.75
CA ASP A 119 -1.52 -13.75 -17.92
C ASP A 119 -0.95 -12.36 -17.77
N ASP A 120 -1.16 -11.81 -16.57
CA ASP A 120 -0.64 -10.50 -16.25
C ASP A 120 0.77 -10.60 -15.73
N LEU A 121 1.33 -11.83 -15.81
CA LEU A 121 2.68 -12.16 -15.39
C LEU A 121 3.60 -12.13 -16.56
N SER A 122 3.04 -12.13 -17.74
CA SER A 122 3.88 -12.07 -18.90
C SER A 122 4.33 -10.64 -18.98
N THR A 123 3.64 -9.86 -18.16
CA THR A 123 3.97 -8.49 -17.89
C THR A 123 5.44 -8.45 -17.51
N LEU A 124 5.79 -9.46 -16.67
CA LEU A 124 7.13 -9.81 -16.25
C LEU A 124 7.60 -10.82 -17.25
N THR A 125 8.75 -10.61 -17.84
CA THR A 125 9.37 -11.49 -18.86
C THR A 125 10.37 -10.54 -19.49
N GLY A 126 11.66 -10.87 -19.40
CA GLY A 126 12.63 -9.94 -19.88
C GLY A 126 12.55 -8.63 -19.09
N LYS A 127 11.85 -8.66 -17.94
CA LYS A 127 11.69 -7.55 -16.96
C LYS A 127 12.71 -7.61 -15.81
N ASN A 128 12.84 -6.56 -15.05
CA ASN A 128 13.67 -6.60 -13.86
C ASN A 128 12.74 -6.60 -12.65
N VAL A 129 12.71 -7.72 -11.87
CA VAL A 129 11.82 -7.83 -10.72
C VAL A 129 12.36 -7.67 -9.27
N LEU A 130 11.50 -7.13 -8.45
CA LEU A 130 11.82 -6.92 -7.08
C LEU A 130 10.66 -7.38 -6.24
N ILE A 131 10.89 -8.41 -5.50
CA ILE A 131 9.84 -8.91 -4.68
C ILE A 131 9.95 -8.43 -3.24
N VAL A 132 8.92 -7.84 -2.72
CA VAL A 132 9.08 -7.39 -1.38
C VAL A 132 8.22 -8.15 -0.44
N GLU A 133 8.83 -8.57 0.63
CA GLU A 133 8.11 -9.19 1.69
C GLU A 133 8.46 -8.49 2.95
N ASP A 134 7.64 -8.73 3.94
CA ASP A 134 7.80 -8.11 5.18
C ASP A 134 8.58 -8.91 6.16
N ILE A 135 8.20 -10.16 6.36
CA ILE A 135 8.89 -11.08 7.29
C ILE A 135 8.87 -12.46 6.74
N ILE A 136 10.05 -13.07 6.69
CA ILE A 136 10.24 -14.44 6.23
C ILE A 136 10.39 -15.26 7.50
N ASP A 137 9.58 -16.29 7.58
CA ASP A 137 9.49 -17.16 8.73
C ASP A 137 10.09 -18.50 8.31
N THR A 138 9.25 -19.39 7.77
CA THR A 138 9.69 -20.68 7.21
C THR A 138 10.41 -20.40 5.91
N GLY A 139 9.91 -19.38 5.19
CA GLY A 139 10.47 -19.01 3.91
C GLY A 139 9.69 -19.65 2.76
N LYS A 140 8.60 -20.31 3.12
CA LYS A 140 7.90 -21.06 2.11
C LYS A 140 7.34 -20.22 1.03
N THR A 141 6.60 -19.25 1.50
CA THR A 141 5.91 -18.37 0.63
C THR A 141 6.85 -17.86 -0.43
N MET A 142 7.99 -17.39 0.03
CA MET A 142 8.99 -16.91 -0.88
C MET A 142 9.39 -17.93 -1.89
N GLN A 143 9.67 -19.12 -1.43
CA GLN A 143 10.16 -20.14 -2.33
C GLN A 143 9.25 -20.54 -3.51
N THR A 144 7.96 -20.57 -3.21
CA THR A 144 6.86 -20.82 -4.14
C THR A 144 6.59 -19.61 -5.10
N LEU A 145 7.13 -18.43 -4.77
CA LEU A 145 6.90 -17.34 -5.67
C LEU A 145 7.96 -17.28 -6.70
N LEU A 146 9.21 -17.51 -6.28
CA LEU A 146 10.32 -17.53 -7.20
C LEU A 146 10.03 -18.47 -8.34
N SER A 147 9.53 -19.64 -7.92
CA SER A 147 9.14 -20.64 -8.87
C SER A 147 8.16 -20.02 -9.84
N LEU A 148 6.98 -19.67 -9.34
CA LEU A 148 5.96 -19.04 -10.14
C LEU A 148 6.54 -17.92 -10.99
N VAL A 149 7.30 -17.07 -10.35
CA VAL A 149 7.85 -15.97 -11.10
C VAL A 149 8.84 -16.40 -12.12
N ARG A 150 9.81 -17.19 -11.68
CA ARG A 150 10.84 -17.57 -12.60
C ARG A 150 10.34 -18.15 -13.94
N GLN A 151 9.10 -18.68 -13.98
CA GLN A 151 8.64 -19.16 -15.27
C GLN A 151 8.59 -18.04 -16.29
N TYR A 152 7.86 -16.99 -15.99
CA TYR A 152 7.78 -15.85 -16.89
C TYR A 152 9.09 -15.30 -17.48
N ASN A 153 10.21 -16.00 -17.26
CA ASN A 153 11.48 -15.63 -17.83
C ASN A 153 11.77 -14.18 -17.60
N PRO A 154 12.19 -13.85 -16.41
CA PRO A 154 12.41 -12.47 -16.12
C PRO A 154 13.86 -12.16 -16.33
N LYS A 155 14.16 -10.89 -16.56
CA LYS A 155 15.51 -10.42 -16.71
C LYS A 155 16.29 -10.46 -15.37
N MET A 156 15.60 -10.28 -14.23
CA MET A 156 16.26 -10.37 -12.97
C MET A 156 15.32 -10.29 -11.81
N VAL A 157 15.45 -11.26 -10.87
CA VAL A 157 14.67 -11.33 -9.61
C VAL A 157 15.57 -11.04 -8.43
N LYS A 158 15.04 -10.23 -7.52
CA LYS A 158 15.76 -9.88 -6.35
C LYS A 158 14.70 -9.68 -5.30
N VAL A 159 14.93 -10.21 -4.12
CA VAL A 159 13.99 -10.12 -3.00
C VAL A 159 14.51 -9.28 -1.82
N ALA A 160 13.57 -8.53 -1.21
CA ALA A 160 13.83 -7.62 -0.14
C ALA A 160 12.92 -7.86 1.04
N SER A 161 13.54 -8.29 2.15
CA SER A 161 12.81 -8.58 3.34
C SER A 161 13.10 -7.53 4.36
N LEU A 162 12.12 -7.22 5.20
CA LEU A 162 12.38 -6.22 6.24
C LEU A 162 13.08 -6.96 7.38
N LEU A 163 12.56 -8.09 7.65
CA LEU A 163 13.00 -8.88 8.73
C LEU A 163 13.13 -10.31 8.27
N VAL A 164 13.96 -11.03 9.01
CA VAL A 164 14.17 -12.44 8.76
C VAL A 164 14.52 -13.09 10.09
N LYS A 165 13.68 -14.09 10.47
CA LYS A 165 13.83 -14.86 11.71
C LYS A 165 14.83 -16.01 11.61
N ARG A 166 15.63 -16.25 12.64
CA ARG A 166 16.48 -17.44 12.73
C ARG A 166 15.63 -18.53 13.33
N THR A 167 15.41 -19.59 12.60
CA THR A 167 14.59 -20.73 13.06
C THR A 167 15.00 -22.02 12.40
N PRO A 168 14.70 -23.05 13.13
CA PRO A 168 14.93 -24.39 12.69
C PRO A 168 13.87 -24.81 11.74
N ARG A 169 12.74 -24.06 11.75
CA ARG A 169 11.59 -24.33 10.93
C ARG A 169 11.69 -23.74 9.57
N SER A 170 12.88 -23.32 9.24
CA SER A 170 13.13 -22.64 7.97
C SER A 170 13.61 -23.49 6.79
N VAL A 171 13.00 -23.27 5.65
CA VAL A 171 13.40 -23.96 4.45
C VAL A 171 14.79 -23.50 4.01
N GLY A 172 15.38 -22.61 4.86
CA GLY A 172 16.72 -22.00 4.79
C GLY A 172 16.97 -21.01 3.65
N TYR A 173 15.89 -20.39 3.14
CA TYR A 173 15.96 -19.36 2.08
C TYR A 173 16.48 -18.04 2.68
N LYS A 174 17.29 -17.32 1.91
CA LYS A 174 17.79 -16.07 2.40
C LYS A 174 17.61 -14.92 1.35
N PRO A 175 16.84 -13.86 1.69
CA PRO A 175 16.63 -12.81 0.72
C PRO A 175 17.87 -12.23 0.14
N ASP A 176 17.68 -11.24 -0.72
CA ASP A 176 18.81 -10.50 -1.24
C ASP A 176 19.08 -9.29 -0.39
N PHE A 177 18.01 -8.66 0.11
CA PHE A 177 18.17 -7.52 0.91
C PHE A 177 17.43 -7.77 2.16
N VAL A 178 18.15 -7.83 3.27
CA VAL A 178 17.49 -8.05 4.53
C VAL A 178 17.48 -6.78 5.38
N GLY A 179 16.34 -6.45 5.94
CA GLY A 179 16.45 -5.35 6.83
C GLY A 179 17.09 -5.82 8.11
N PHE A 180 16.52 -6.85 8.66
CA PHE A 180 17.01 -7.34 9.89
C PHE A 180 16.75 -8.80 10.04
N GLU A 181 17.71 -9.44 10.64
CA GLU A 181 17.61 -10.85 10.93
C GLU A 181 17.34 -11.04 12.39
N ILE A 182 16.25 -11.66 12.71
CA ILE A 182 15.94 -11.73 14.08
C ILE A 182 15.86 -13.13 14.65
N PRO A 183 15.62 -13.20 15.94
CA PRO A 183 15.54 -14.46 16.60
C PRO A 183 14.14 -15.06 16.45
N ASP A 184 14.06 -16.37 16.62
CA ASP A 184 12.80 -17.03 16.49
C ASP A 184 11.67 -16.52 17.42
N LYS A 185 11.33 -15.22 17.31
CA LYS A 185 10.26 -14.61 18.11
C LYS A 185 9.03 -14.15 17.31
N PHE A 186 7.88 -14.10 18.01
CA PHE A 186 6.64 -13.61 17.41
C PHE A 186 6.50 -12.13 17.69
N VAL A 187 6.60 -11.34 16.64
CA VAL A 187 6.50 -9.92 16.77
C VAL A 187 5.27 -9.35 16.09
N VAL A 188 4.96 -8.14 16.50
CA VAL A 188 3.85 -7.43 15.98
C VAL A 188 4.15 -5.99 15.96
N GLY A 189 3.40 -5.27 15.15
CA GLY A 189 3.55 -3.85 15.13
C GLY A 189 4.31 -3.38 13.94
N TYR A 190 4.08 -2.09 13.67
CA TYR A 190 4.65 -1.36 12.55
C TYR A 190 3.92 -1.78 11.28
N ALA A 191 4.37 -2.93 10.72
CA ALA A 191 3.84 -3.58 9.51
C ALA A 191 3.09 -4.88 9.79
N LEU A 192 3.44 -5.57 10.89
CA LEU A 192 2.94 -6.89 11.26
C LEU A 192 1.79 -6.88 12.19
N ASP A 193 0.79 -7.64 11.83
CA ASP A 193 -0.43 -7.72 12.62
C ASP A 193 -0.63 -9.09 13.24
N TYR A 194 -1.52 -9.12 14.18
CA TYR A 194 -1.95 -10.36 14.81
C TYR A 194 -3.46 -10.27 14.82
N ASN A 195 -4.11 -10.96 13.88
CA ASN A 195 -5.58 -10.88 13.78
C ASN A 195 -6.03 -9.47 13.64
N GLU A 196 -5.37 -8.71 12.80
CA GLU A 196 -5.81 -7.38 12.55
C GLU A 196 -5.72 -6.41 13.73
N TYR A 197 -4.96 -6.83 14.77
CA TYR A 197 -4.67 -6.01 15.94
C TYR A 197 -3.25 -5.52 15.82
N PHE A 198 -2.88 -4.47 16.58
CA PHE A 198 -1.52 -4.00 16.52
C PHE A 198 -1.19 -3.24 15.29
N ARG A 199 -2.20 -3.05 14.48
CA ARG A 199 -2.14 -2.29 13.23
C ARG A 199 -1.64 -0.90 13.58
N ASP A 200 -2.04 -0.41 14.74
CA ASP A 200 -1.72 0.94 15.13
C ASP A 200 -0.50 1.10 15.96
N LEU A 201 0.14 -0.02 16.30
CA LEU A 201 1.39 -0.05 17.06
C LEU A 201 2.52 0.19 16.05
N ASN A 202 3.45 1.14 16.30
CA ASN A 202 4.46 1.48 15.27
C ASN A 202 5.76 0.77 15.38
N HIS A 203 6.11 0.38 16.63
CA HIS A 203 7.34 -0.29 16.90
C HIS A 203 7.13 -1.73 16.79
N VAL A 204 8.15 -2.41 16.45
CA VAL A 204 8.05 -3.81 16.42
C VAL A 204 8.42 -4.31 17.81
N CYS A 205 7.64 -5.20 18.31
CA CYS A 205 7.83 -5.76 19.62
C CYS A 205 7.53 -7.23 19.62
N VAL A 206 7.77 -7.87 20.76
CA VAL A 206 7.45 -9.25 21.02
C VAL A 206 6.12 -9.33 21.78
N ILE A 207 5.16 -10.16 21.35
CA ILE A 207 3.89 -10.22 22.09
C ILE A 207 4.08 -10.94 23.36
N SER A 208 3.13 -10.75 24.18
CA SER A 208 3.09 -11.45 25.40
C SER A 208 2.03 -12.51 25.23
N GLU A 209 1.99 -13.41 26.18
CA GLU A 209 1.07 -14.51 26.16
C GLU A 209 -0.33 -14.03 26.29
N THR A 210 -0.52 -13.07 27.22
CA THR A 210 -1.85 -12.56 27.40
C THR A 210 -2.42 -12.00 26.13
N GLY A 211 -1.84 -10.94 25.59
CA GLY A 211 -2.37 -10.42 24.34
C GLY A 211 -2.32 -11.46 23.20
N LYS A 212 -1.34 -12.36 23.26
CA LYS A 212 -1.23 -13.33 22.19
C LYS A 212 -2.31 -14.33 22.34
N ALA A 213 -2.50 -14.66 23.58
CA ALA A 213 -3.54 -15.58 23.90
C ALA A 213 -4.88 -14.88 23.97
N LYS A 214 -4.90 -13.54 24.08
CA LYS A 214 -6.16 -12.76 24.26
C LYS A 214 -6.85 -12.28 22.97
N TYR A 215 -6.07 -12.19 21.90
CA TYR A 215 -6.51 -11.76 20.58
C TYR A 215 -6.68 -13.02 19.74
N LYS A 216 -7.78 -13.75 19.78
CA LYS A 216 -7.60 -14.94 18.97
C LYS A 216 -8.55 -15.39 17.90
N ALA A 217 -8.15 -16.54 17.35
CA ALA A 217 -8.82 -17.28 16.27
C ALA A 217 -9.98 -18.15 16.77
N SER B 4 -20.19 17.81 2.77
CA SER B 4 -19.13 18.73 2.41
C SER B 4 -18.23 18.26 1.26
N PRO B 5 -18.14 19.15 0.24
CA PRO B 5 -17.48 19.01 -1.08
C PRO B 5 -15.96 18.89 -1.15
N GLY B 6 -15.31 19.14 0.00
CA GLY B 6 -13.88 19.13 0.04
C GLY B 6 -13.43 20.48 -0.46
N VAL B 7 -12.16 20.54 -0.79
CA VAL B 7 -11.53 21.73 -1.31
C VAL B 7 -11.70 21.81 -2.81
N VAL B 8 -12.55 22.78 -3.15
CA VAL B 8 -12.82 23.06 -4.50
C VAL B 8 -11.81 23.92 -5.18
N ILE B 9 -11.40 23.45 -6.31
CA ILE B 9 -10.52 24.19 -7.21
C ILE B 9 -11.28 24.65 -8.50
N SER B 10 -11.22 25.94 -8.81
CA SER B 10 -12.03 26.44 -9.92
C SER B 10 -11.55 26.18 -11.35
N ASP B 11 -12.55 26.22 -12.23
CA ASP B 11 -12.34 25.92 -13.62
C ASP B 11 -11.40 26.85 -14.15
N ASP B 12 -11.43 27.95 -13.54
CA ASP B 12 -10.64 28.98 -14.04
C ASP B 12 -9.33 29.09 -13.31
N GLU B 13 -8.98 28.06 -12.52
CA GLU B 13 -7.73 27.95 -11.73
C GLU B 13 -6.50 27.92 -12.58
N PRO B 14 -5.52 28.76 -12.29
CA PRO B 14 -4.26 28.77 -13.04
C PRO B 14 -3.20 27.79 -12.52
N GLY B 15 -3.32 27.39 -11.23
CA GLY B 15 -2.37 26.51 -10.52
C GLY B 15 -1.06 27.24 -10.23
N TYR B 16 0.04 26.54 -10.07
CA TYR B 16 1.23 27.35 -9.85
C TYR B 16 2.23 27.11 -10.96
N ASP B 17 3.10 28.08 -11.17
CA ASP B 17 4.18 27.92 -12.07
C ASP B 17 5.01 26.75 -11.61
N LEU B 18 5.57 25.99 -12.53
CA LEU B 18 6.38 24.86 -12.18
C LEU B 18 7.57 25.25 -11.37
N ASP B 19 7.84 26.50 -11.33
CA ASP B 19 9.03 26.99 -10.63
C ASP B 19 8.99 27.31 -9.21
N LEU B 20 7.77 27.33 -8.70
CA LEU B 20 7.55 27.63 -7.30
C LEU B 20 7.90 26.47 -6.36
N PHE B 21 8.04 25.30 -6.97
CA PHE B 21 8.43 24.10 -6.25
C PHE B 21 9.48 23.20 -6.92
N CYS B 22 9.64 22.06 -6.27
CA CYS B 22 10.54 21.00 -6.68
C CYS B 22 9.72 19.98 -7.48
N ILE B 23 10.03 19.87 -8.76
CA ILE B 23 9.49 19.00 -9.76
C ILE B 23 10.73 18.30 -10.33
N PRO B 24 10.70 16.99 -10.52
CA PRO B 24 11.84 16.32 -11.08
C PRO B 24 12.17 16.89 -12.44
N ASN B 25 13.40 17.34 -12.63
CA ASN B 25 13.74 17.99 -13.89
C ASN B 25 13.44 17.19 -15.13
N HIS B 26 13.31 15.88 -14.96
CA HIS B 26 13.06 15.02 -16.10
C HIS B 26 11.60 15.11 -16.65
N TYR B 27 10.70 15.75 -15.87
CA TYR B 27 9.30 15.92 -16.25
C TYR B 27 8.92 17.36 -16.58
N ALA B 28 9.95 18.15 -16.77
CA ALA B 28 9.88 19.57 -16.91
C ALA B 28 9.29 20.15 -18.18
N GLU B 29 9.06 19.30 -19.17
CA GLU B 29 8.43 19.75 -20.43
C GLU B 29 7.11 19.01 -20.60
N ASP B 30 6.91 18.02 -19.73
CA ASP B 30 5.81 17.08 -19.67
C ASP B 30 4.62 17.55 -18.82
N LEU B 31 4.92 18.49 -17.92
CA LEU B 31 3.95 19.00 -16.94
C LEU B 31 3.53 20.42 -17.28
N GLU B 32 2.30 20.83 -17.00
CA GLU B 32 1.93 22.20 -17.36
C GLU B 32 1.92 23.12 -16.16
N ARG B 33 1.38 22.60 -15.07
CA ARG B 33 1.28 23.34 -13.86
C ARG B 33 1.19 22.41 -12.66
N VAL B 34 1.61 22.92 -11.54
CA VAL B 34 1.43 22.19 -10.30
C VAL B 34 0.03 22.55 -9.92
N PHE B 35 -0.77 21.64 -9.53
CA PHE B 35 -2.11 22.09 -9.23
C PHE B 35 -2.31 21.97 -7.75
N ILE B 36 -1.86 20.80 -7.23
CA ILE B 36 -1.91 20.45 -5.82
C ILE B 36 -0.59 19.87 -5.28
N PRO B 37 0.11 20.77 -4.65
CA PRO B 37 1.35 20.45 -4.07
C PRO B 37 1.17 19.46 -2.95
N HIS B 38 2.16 18.63 -2.84
CA HIS B 38 2.23 17.52 -1.93
C HIS B 38 1.77 17.79 -0.51
N GLY B 39 2.23 18.83 0.13
CA GLY B 39 1.95 19.05 1.55
C GLY B 39 0.53 19.39 1.88
N LEU B 40 -0.13 20.10 0.93
CA LEU B 40 -1.56 20.50 0.96
C LEU B 40 -2.51 19.27 0.96
N ILE B 41 -2.08 18.25 0.22
CA ILE B 41 -2.74 16.94 0.09
C ILE B 41 -2.64 16.22 1.38
N MET B 42 -1.43 16.21 1.87
CA MET B 42 -1.16 15.73 3.16
C MET B 42 -2.10 16.31 4.18
N ASP B 43 -2.15 17.65 4.33
CA ASP B 43 -3.01 18.23 5.38
C ASP B 43 -4.45 17.99 5.11
N ARG B 44 -4.84 18.20 3.84
CA ARG B 44 -6.22 17.97 3.50
C ARG B 44 -6.58 16.52 3.82
N THR B 45 -5.62 15.59 3.68
CA THR B 45 -5.86 14.18 4.03
C THR B 45 -5.93 13.88 5.51
N GLU B 46 -5.18 14.65 6.28
CA GLU B 46 -5.19 14.52 7.72
C GLU B 46 -6.58 14.75 8.24
N ARG B 47 -7.23 15.79 7.76
CA ARG B 47 -8.55 16.12 8.17
C ARG B 47 -9.62 15.10 7.69
N LEU B 48 -9.43 14.61 6.51
CA LEU B 48 -10.33 13.61 5.94
C LEU B 48 -10.52 12.42 6.88
N ALA B 49 -9.37 11.90 7.30
CA ALA B 49 -9.22 10.80 8.22
C ALA B 49 -10.13 11.01 9.40
N ARG B 50 -10.01 12.22 9.90
CA ARG B 50 -10.77 12.74 11.01
C ARG B 50 -12.27 12.66 10.73
N ASP B 51 -12.74 13.24 9.63
CA ASP B 51 -14.16 13.13 9.36
C ASP B 51 -14.57 11.66 9.25
N VAL B 52 -13.61 10.84 8.80
CA VAL B 52 -13.87 9.42 8.72
C VAL B 52 -14.11 8.77 10.08
N MET B 53 -13.20 8.96 10.98
CA MET B 53 -13.33 8.37 12.25
C MET B 53 -14.51 8.83 13.00
N LYS B 54 -14.85 10.09 12.77
CA LYS B 54 -16.00 10.66 13.42
C LYS B 54 -17.18 9.73 13.28
N GLU B 55 -17.46 9.30 12.05
CA GLU B 55 -18.54 8.35 11.94
C GLU B 55 -18.19 6.87 11.86
N MET B 56 -16.95 6.52 11.92
CA MET B 56 -16.69 5.12 11.83
C MET B 56 -15.80 4.60 12.92
N GLY B 57 -15.23 5.48 13.72
CA GLY B 57 -14.40 4.99 14.79
C GLY B 57 -15.30 4.25 15.75
N GLY B 58 -14.73 3.46 16.63
CA GLY B 58 -15.64 2.74 17.53
C GLY B 58 -15.86 1.29 17.15
N HIS B 59 -16.00 0.96 15.87
CA HIS B 59 -16.11 -0.42 15.56
C HIS B 59 -15.14 -0.79 14.48
N HIS B 60 -14.81 -2.07 14.43
CA HIS B 60 -13.93 -2.71 13.48
C HIS B 60 -14.25 -2.26 12.12
N ILE B 61 -13.28 -1.96 11.29
CA ILE B 61 -13.63 -1.61 9.97
C ILE B 61 -12.75 -2.27 8.99
N VAL B 62 -13.29 -2.34 7.74
CA VAL B 62 -12.66 -2.94 6.59
C VAL B 62 -12.43 -1.92 5.49
N ALA B 63 -11.17 -1.50 5.38
CA ALA B 63 -10.69 -0.56 4.41
C ALA B 63 -10.25 -1.25 3.15
N LEU B 64 -10.91 -0.98 2.07
CA LEU B 64 -10.59 -1.60 0.83
C LEU B 64 -10.07 -0.61 -0.16
N CYS B 65 -9.05 -1.05 -0.85
CA CYS B 65 -8.43 -0.27 -1.85
C CYS B 65 -8.85 -0.67 -3.23
N VAL B 66 -9.28 0.27 -4.06
CA VAL B 66 -9.55 -0.09 -5.44
C VAL B 66 -8.22 -0.44 -6.09
N LEU B 67 -8.24 -1.49 -6.88
CA LEU B 67 -6.98 -1.96 -7.41
C LEU B 67 -6.33 -1.10 -8.49
N LYS B 68 -6.81 0.13 -8.69
CA LYS B 68 -6.29 1.06 -9.71
C LYS B 68 -4.81 0.88 -10.05
N GLY B 69 -4.05 0.72 -8.98
CA GLY B 69 -2.63 0.60 -9.04
C GLY B 69 -2.09 1.90 -8.52
N GLY B 70 -2.84 2.46 -7.60
CA GLY B 70 -2.48 3.71 -6.93
C GLY B 70 -2.61 3.61 -5.37
N TYR B 71 -1.88 2.61 -4.78
CA TYR B 71 -1.82 2.28 -3.36
C TYR B 71 -1.49 3.48 -2.35
N LYS B 72 -0.75 4.48 -2.87
CA LYS B 72 -0.22 5.59 -2.08
C LYS B 72 -1.13 6.37 -1.16
N PHE B 73 -2.23 6.77 -1.73
CA PHE B 73 -3.15 7.58 -1.01
C PHE B 73 -3.79 6.73 0.04
N PHE B 74 -4.05 5.51 -0.36
CA PHE B 74 -4.69 4.56 0.51
C PHE B 74 -3.88 4.40 1.77
N ALA B 75 -2.57 4.31 1.52
CA ALA B 75 -1.56 4.16 2.56
C ALA B 75 -1.57 5.39 3.43
N ASP B 76 -1.23 6.52 2.83
CA ASP B 76 -1.20 7.83 3.52
C ASP B 76 -2.46 8.07 4.33
N LEU B 77 -3.60 7.57 3.88
CA LEU B 77 -4.78 7.77 4.67
C LEU B 77 -4.88 6.76 5.82
N LEU B 78 -4.37 5.55 5.59
CA LEU B 78 -4.50 4.54 6.62
C LEU B 78 -3.66 4.85 7.82
N ASP B 79 -2.49 5.44 7.54
CA ASP B 79 -1.54 5.89 8.52
C ASP B 79 -2.13 6.91 9.46
N TYR B 80 -2.99 7.76 8.97
CA TYR B 80 -3.63 8.73 9.79
C TYR B 80 -4.78 8.05 10.44
N ILE B 81 -5.48 7.17 9.74
CA ILE B 81 -6.56 6.52 10.46
C ILE B 81 -5.99 5.67 11.65
N LYS B 82 -4.78 5.12 11.50
CA LYS B 82 -4.13 4.34 12.56
C LYS B 82 -3.73 5.14 13.79
N ALA B 83 -3.25 6.35 13.55
CA ALA B 83 -2.85 7.25 14.61
C ALA B 83 -4.04 7.79 15.40
N LEU B 84 -5.27 7.67 14.88
CA LEU B 84 -6.47 8.08 15.60
C LEU B 84 -6.88 6.96 16.53
N ASN B 85 -6.58 5.74 16.08
CA ASN B 85 -6.93 4.51 16.80
C ASN B 85 -6.14 4.22 18.11
N ARG B 86 -4.92 4.74 18.24
CA ARG B 86 -4.14 4.53 19.44
C ARG B 86 -4.77 5.14 20.66
N ASN B 87 -5.29 6.32 20.47
CA ASN B 87 -5.86 7.04 21.58
C ASN B 87 -7.02 6.24 22.15
N SER B 88 -7.42 5.22 21.41
CA SER B 88 -8.52 4.37 21.82
C SER B 88 -8.27 3.65 23.15
N ASP B 89 -9.34 3.39 23.86
CA ASP B 89 -9.24 2.73 25.15
C ASP B 89 -9.20 1.23 25.09
N ARG B 90 -9.90 0.66 24.16
CA ARG B 90 -9.88 -0.77 23.97
C ARG B 90 -9.24 -1.04 22.66
N SER B 91 -8.57 -2.15 22.51
CA SER B 91 -7.97 -2.37 21.21
C SER B 91 -9.01 -2.69 20.11
N ILE B 92 -8.73 -2.20 18.90
CA ILE B 92 -9.63 -2.42 17.82
C ILE B 92 -9.00 -2.76 16.49
N PRO B 93 -9.33 -3.95 16.05
CA PRO B 93 -8.86 -4.50 14.80
C PRO B 93 -9.40 -3.69 13.65
N MET B 94 -8.73 -3.87 12.53
CA MET B 94 -9.05 -3.19 11.32
C MET B 94 -8.46 -4.07 10.26
N THR B 95 -9.14 -4.23 9.16
CA THR B 95 -8.58 -5.09 8.17
C THR B 95 -8.35 -4.33 6.91
N VAL B 96 -7.28 -4.67 6.18
CA VAL B 96 -6.82 -3.92 4.99
C VAL B 96 -6.84 -4.77 3.72
N ASP B 97 -7.23 -4.18 2.57
CA ASP B 97 -7.28 -4.99 1.38
C ASP B 97 -7.53 -4.22 0.10
N PHE B 98 -7.21 -4.86 -1.04
CA PHE B 98 -7.47 -4.34 -2.36
C PHE B 98 -8.62 -5.10 -2.95
N ILE B 99 -9.45 -4.45 -3.76
CA ILE B 99 -10.53 -5.13 -4.44
C ILE B 99 -10.10 -5.42 -5.85
N ARG B 100 -9.88 -6.69 -6.19
CA ARG B 100 -9.51 -6.94 -7.56
C ARG B 100 -10.77 -6.77 -8.37
N LEU B 101 -10.80 -5.75 -9.25
CA LEU B 101 -11.93 -5.45 -10.17
C LEU B 101 -12.70 -4.16 -9.85
N LYS B 102 -13.12 -3.44 -10.91
CA LYS B 102 -13.84 -2.18 -10.77
C LYS B 102 -14.45 -1.68 -12.10
N SER B 103 -15.37 -2.50 -12.64
CA SER B 103 -16.09 -2.37 -13.93
C SER B 103 -15.60 -3.32 -15.06
N TYR B 104 -15.31 -4.57 -14.61
CA TYR B 104 -14.81 -5.73 -15.38
C TYR B 104 -15.74 -6.11 -16.52
N SER B 109 -18.68 -8.60 -14.31
CA SER B 109 -19.57 -8.40 -13.16
C SER B 109 -20.34 -9.70 -12.78
N THR B 110 -21.26 -9.57 -11.77
CA THR B 110 -22.13 -10.63 -11.21
C THR B 110 -21.46 -11.58 -10.21
N GLY B 111 -21.39 -12.85 -10.63
CA GLY B 111 -20.77 -13.96 -9.92
C GLY B 111 -19.24 -13.82 -9.83
N ASP B 112 -18.73 -12.67 -10.29
CA ASP B 112 -17.31 -12.30 -10.18
C ASP B 112 -17.21 -11.55 -8.85
N ILE B 113 -18.40 -11.55 -8.23
CA ILE B 113 -18.71 -10.90 -6.98
C ILE B 113 -19.27 -11.86 -5.95
N LYS B 114 -20.18 -12.79 -6.39
CA LYS B 114 -20.85 -13.90 -5.59
C LYS B 114 -19.92 -14.91 -4.81
N VAL B 115 -18.64 -14.92 -5.31
CA VAL B 115 -17.45 -15.73 -4.94
C VAL B 115 -16.13 -14.89 -5.02
N ILE B 116 -15.60 -14.69 -6.26
CA ILE B 116 -14.37 -13.95 -6.56
C ILE B 116 -14.27 -12.64 -5.77
N GLY B 117 -15.37 -11.89 -5.86
CA GLY B 117 -15.57 -10.65 -5.14
C GLY B 117 -16.36 -10.96 -3.87
N GLY B 118 -16.64 -12.29 -3.69
CA GLY B 118 -17.35 -12.82 -2.52
C GLY B 118 -16.44 -13.08 -1.42
N ASP B 119 -15.16 -12.73 -1.56
CA ASP B 119 -14.31 -12.83 -0.39
C ASP B 119 -14.61 -11.58 0.47
N ASP B 120 -15.80 -11.04 0.09
CA ASP B 120 -16.67 -10.03 0.62
C ASP B 120 -17.73 -10.83 1.33
N SER B 122 -17.58 -12.16 1.27
CA SER B 122 -18.44 -13.00 2.07
C SER B 122 -17.95 -12.69 3.45
N THR B 123 -16.75 -12.25 3.38
CA THR B 123 -15.96 -11.71 4.42
C THR B 123 -16.43 -10.28 4.79
N LEU B 124 -17.23 -9.63 3.91
CA LEU B 124 -17.74 -8.28 4.18
C LEU B 124 -19.15 -8.24 4.83
N THR B 125 -19.90 -9.32 4.60
CA THR B 125 -21.24 -9.51 5.15
C THR B 125 -21.20 -9.17 6.61
N GLY B 126 -22.01 -8.23 7.03
CA GLY B 126 -22.06 -7.88 8.44
C GLY B 126 -21.06 -6.86 8.92
N LYS B 127 -19.97 -6.57 8.16
CA LYS B 127 -18.92 -5.59 8.53
C LYS B 127 -19.11 -4.22 7.94
N ASN B 128 -18.46 -3.19 8.58
CA ASN B 128 -18.44 -1.77 8.13
C ASN B 128 -17.27 -1.49 7.20
N VAL B 129 -17.60 -1.12 5.95
CA VAL B 129 -16.64 -0.96 4.85
C VAL B 129 -16.30 0.48 4.39
N LEU B 130 -15.08 0.68 4.04
CA LEU B 130 -14.62 1.95 3.62
C LEU B 130 -13.86 1.76 2.34
N ILE B 131 -14.34 2.34 1.30
CA ILE B 131 -13.68 2.14 0.05
C ILE B 131 -12.83 3.34 -0.28
N VAL B 132 -11.64 3.06 -0.81
CA VAL B 132 -10.73 4.12 -1.16
C VAL B 132 -10.24 4.12 -2.61
N GLU B 133 -10.67 5.16 -3.32
CA GLU B 133 -10.22 5.41 -4.67
C GLU B 133 -9.47 6.72 -4.69
N ASP B 134 -8.64 6.92 -5.66
CA ASP B 134 -7.89 8.14 -5.70
C ASP B 134 -8.61 9.27 -6.50
N ILE B 135 -8.94 9.06 -7.75
CA ILE B 135 -9.67 10.08 -8.39
C ILE B 135 -10.91 9.50 -9.00
N ILE B 136 -11.96 10.23 -8.87
CA ILE B 136 -13.17 9.81 -9.53
C ILE B 136 -13.45 10.69 -10.70
N ASP B 137 -13.78 10.02 -11.80
CA ASP B 137 -14.01 10.71 -13.01
C ASP B 137 -15.45 10.63 -13.43
N THR B 138 -15.82 9.59 -14.23
CA THR B 138 -17.22 9.43 -14.69
C THR B 138 -18.05 8.75 -13.62
N GLY B 139 -17.36 8.13 -12.62
CA GLY B 139 -17.93 7.42 -11.49
C GLY B 139 -18.26 5.94 -11.74
N LYS B 140 -18.29 5.52 -13.00
CA LYS B 140 -18.65 4.17 -13.42
C LYS B 140 -18.08 3.06 -12.52
N THR B 141 -16.75 3.08 -12.45
CA THR B 141 -16.01 2.14 -11.69
C THR B 141 -16.55 1.93 -10.29
N MET B 142 -16.77 3.00 -9.64
CA MET B 142 -17.14 2.97 -8.28
C MET B 142 -18.56 2.45 -8.14
N GLN B 143 -19.40 3.01 -8.99
CA GLN B 143 -20.79 2.65 -8.92
C GLN B 143 -20.99 1.19 -9.21
N THR B 144 -20.25 0.68 -10.18
CA THR B 144 -20.39 -0.73 -10.41
C THR B 144 -19.76 -1.48 -9.26
N LEU B 145 -18.95 -0.80 -8.46
CA LEU B 145 -18.35 -1.43 -7.31
C LEU B 145 -19.26 -1.42 -6.11
N LEU B 146 -20.15 -0.42 -5.97
CA LEU B 146 -21.04 -0.56 -4.83
C LEU B 146 -22.09 -1.62 -5.09
N SER B 147 -22.53 -1.75 -6.35
CA SER B 147 -23.57 -2.72 -6.72
C SER B 147 -23.22 -4.06 -6.12
N LEU B 148 -22.03 -4.47 -6.45
CA LEU B 148 -21.52 -5.71 -5.90
C LEU B 148 -21.08 -5.75 -4.45
N VAL B 149 -20.55 -4.70 -3.92
CA VAL B 149 -20.18 -4.86 -2.56
C VAL B 149 -21.46 -4.96 -1.73
N ARG B 150 -22.48 -4.34 -2.30
CA ARG B 150 -23.84 -4.30 -1.82
C ARG B 150 -24.46 -5.69 -1.74
N GLN B 151 -24.29 -6.47 -2.79
CA GLN B 151 -24.82 -7.84 -2.80
C GLN B 151 -24.42 -8.60 -1.56
N TYR B 152 -23.29 -8.15 -0.97
CA TYR B 152 -22.69 -8.79 0.17
C TYR B 152 -23.34 -8.39 1.43
N ASN B 153 -24.28 -7.48 1.31
CA ASN B 153 -24.97 -7.02 2.47
C ASN B 153 -24.03 -6.50 3.52
N PRO B 154 -23.16 -5.61 3.12
CA PRO B 154 -22.30 -5.03 4.13
C PRO B 154 -23.18 -4.27 5.12
N LYS B 155 -22.72 -4.08 6.35
CA LYS B 155 -23.42 -3.38 7.39
C LYS B 155 -23.47 -1.92 7.14
N MET B 156 -22.55 -1.50 6.36
CA MET B 156 -22.43 -0.09 6.11
C MET B 156 -21.29 0.15 5.14
N VAL B 157 -21.44 1.17 4.28
CA VAL B 157 -20.41 1.45 3.31
C VAL B 157 -20.13 2.88 3.06
N LYS B 158 -18.95 3.34 3.38
CA LYS B 158 -18.58 4.71 3.05
C LYS B 158 -17.55 4.73 1.93
N VAL B 159 -17.43 5.88 1.25
CA VAL B 159 -16.47 5.98 0.16
C VAL B 159 -15.68 7.24 0.14
N ALA B 160 -14.38 7.14 0.50
CA ALA B 160 -13.51 8.30 0.49
C ALA B 160 -12.77 8.37 -0.78
N SER B 161 -12.59 9.55 -1.32
CA SER B 161 -11.83 9.69 -2.55
C SER B 161 -10.97 10.95 -2.45
N LEU B 162 -9.86 10.91 -3.10
CA LEU B 162 -8.97 12.03 -2.94
C LEU B 162 -9.34 13.19 -3.83
N LEU B 163 -9.78 12.87 -5.04
CA LEU B 163 -10.13 13.84 -6.09
C LEU B 163 -11.50 13.55 -6.76
N VAL B 164 -12.28 14.59 -7.05
CA VAL B 164 -13.54 14.39 -7.73
C VAL B 164 -13.64 15.32 -8.90
N LYS B 165 -13.25 14.85 -10.07
CA LYS B 165 -13.31 15.68 -11.24
C LYS B 165 -14.71 16.05 -11.50
N ARG B 166 -14.93 17.32 -11.85
CA ARG B 166 -16.26 17.78 -12.26
C ARG B 166 -16.30 17.79 -13.80
N THR B 167 -17.04 16.79 -14.36
CA THR B 167 -17.19 16.49 -15.79
C THR B 167 -18.64 16.39 -16.11
N PRO B 168 -19.00 16.78 -17.35
CA PRO B 168 -20.36 16.67 -17.83
C PRO B 168 -20.66 15.21 -17.89
N ARG B 169 -19.58 14.43 -17.96
CA ARG B 169 -19.66 12.99 -17.95
C ARG B 169 -19.74 12.29 -16.59
N SER B 170 -19.95 13.03 -15.50
CA SER B 170 -20.18 12.29 -14.30
C SER B 170 -21.43 11.55 -14.59
N VAL B 171 -21.47 10.39 -14.06
CA VAL B 171 -22.57 9.48 -14.19
C VAL B 171 -23.30 9.50 -12.82
N GLY B 172 -23.22 10.67 -12.16
CA GLY B 172 -23.86 10.95 -10.85
C GLY B 172 -23.23 10.46 -9.49
N TYR B 173 -22.11 9.67 -9.46
CA TYR B 173 -21.55 9.25 -8.15
C TYR B 173 -20.92 10.37 -7.35
N LYS B 174 -21.33 10.45 -6.10
CA LYS B 174 -20.85 11.44 -5.18
C LYS B 174 -20.42 10.76 -3.87
N PRO B 175 -19.09 10.56 -3.71
CA PRO B 175 -18.48 9.86 -2.61
C PRO B 175 -18.84 10.50 -1.33
N ASP B 176 -18.67 9.77 -0.20
CA ASP B 176 -18.98 10.42 1.06
C ASP B 176 -17.86 11.35 1.53
N PHE B 177 -16.64 11.07 1.10
CA PHE B 177 -15.52 11.84 1.56
C PHE B 177 -14.74 12.37 0.40
N VAL B 178 -14.63 13.72 0.32
CA VAL B 178 -13.87 14.31 -0.77
C VAL B 178 -12.73 15.15 -0.32
N GLY B 179 -11.61 14.93 -0.91
CA GLY B 179 -10.54 15.78 -0.53
C GLY B 179 -10.57 17.07 -1.31
N PHE B 180 -10.65 16.98 -2.62
CA PHE B 180 -10.62 18.15 -3.50
C PHE B 180 -11.52 17.86 -4.64
N GLU B 181 -12.17 18.89 -5.11
CA GLU B 181 -13.01 18.76 -6.26
C GLU B 181 -12.35 19.63 -7.28
N ILE B 182 -12.02 19.04 -8.46
CA ILE B 182 -11.25 19.64 -9.54
C ILE B 182 -11.97 19.86 -10.88
N PRO B 183 -11.38 20.72 -11.75
CA PRO B 183 -11.92 20.92 -13.05
C PRO B 183 -11.75 19.64 -13.78
N ASP B 184 -12.37 19.54 -14.94
CA ASP B 184 -12.14 18.37 -15.68
C ASP B 184 -10.88 18.60 -16.41
N LYS B 185 -9.74 18.19 -15.85
CA LYS B 185 -8.43 18.28 -16.50
C LYS B 185 -7.63 17.00 -16.25
N PHE B 186 -6.55 16.75 -16.99
CA PHE B 186 -5.84 15.51 -16.77
C PHE B 186 -4.59 15.61 -15.87
N VAL B 187 -4.75 15.10 -14.65
CA VAL B 187 -3.68 15.17 -13.69
C VAL B 187 -2.83 13.89 -13.43
N VAL B 188 -1.62 14.12 -12.98
CA VAL B 188 -0.66 13.12 -12.58
C VAL B 188 0.07 13.63 -11.30
N GLY B 189 0.83 12.74 -10.66
CA GLY B 189 1.60 13.17 -9.52
C GLY B 189 0.97 12.71 -8.26
N TYR B 190 1.74 12.75 -7.18
CA TYR B 190 1.29 12.20 -5.93
C TYR B 190 0.97 10.72 -6.09
N ALA B 191 -0.29 10.37 -6.32
CA ALA B 191 -0.69 8.97 -6.38
C ALA B 191 -1.35 8.53 -7.67
N LEU B 192 -1.27 9.38 -8.67
CA LEU B 192 -1.78 9.16 -10.02
C LEU B 192 -0.57 8.97 -10.96
N ASP B 193 -0.64 8.01 -11.92
CA ASP B 193 0.47 7.76 -12.84
C ASP B 193 0.02 7.79 -14.26
N TYR B 194 0.91 7.60 -15.19
CA TYR B 194 0.46 7.59 -16.58
C TYR B 194 1.29 6.58 -17.24
N ASN B 195 0.71 5.44 -17.57
CA ASN B 195 1.52 4.39 -18.18
C ASN B 195 2.72 4.02 -17.38
N GLU B 196 2.59 4.10 -16.07
CA GLU B 196 3.70 3.79 -15.19
C GLU B 196 4.73 4.90 -14.96
N TYR B 197 4.49 6.09 -15.54
CA TYR B 197 5.34 7.25 -15.34
C TYR B 197 4.63 8.21 -14.40
N PHE B 198 5.45 9.11 -13.80
CA PHE B 198 5.08 10.17 -12.84
C PHE B 198 4.86 9.64 -11.40
N ARG B 199 5.35 8.43 -11.15
CA ARG B 199 5.17 7.87 -9.86
C ARG B 199 6.09 8.56 -8.88
N ASP B 200 7.17 9.19 -9.40
CA ASP B 200 8.20 9.88 -8.59
C ASP B 200 8.00 11.36 -8.41
N LEU B 201 6.84 11.87 -8.85
CA LEU B 201 6.51 13.27 -8.83
C LEU B 201 5.46 13.43 -7.76
N ASN B 202 5.67 14.22 -6.73
CA ASN B 202 4.64 14.14 -5.69
C ASN B 202 3.64 15.23 -5.51
N HIS B 203 3.61 16.15 -6.46
CA HIS B 203 2.60 17.16 -6.56
C HIS B 203 1.66 16.78 -7.69
N VAL B 204 0.37 17.11 -7.52
CA VAL B 204 -0.61 16.88 -8.58
C VAL B 204 -0.57 18.01 -9.61
N CYS B 205 -0.19 17.65 -10.81
CA CYS B 205 0.03 18.62 -11.83
C CYS B 205 -0.80 18.33 -13.03
N VAL B 206 -0.89 19.29 -13.89
CA VAL B 206 -1.57 19.02 -15.11
C VAL B 206 -0.56 18.60 -16.11
N ILE B 207 -0.93 17.68 -16.89
CA ILE B 207 -0.04 17.23 -17.86
C ILE B 207 -0.28 18.07 -19.06
N SER B 208 0.77 18.16 -19.84
CA SER B 208 0.86 18.92 -21.06
C SER B 208 0.57 18.05 -22.23
N GLU B 209 0.14 18.66 -23.32
CA GLU B 209 -0.07 17.96 -24.56
C GLU B 209 1.21 17.13 -24.89
N THR B 210 2.41 17.69 -24.65
CA THR B 210 3.62 16.91 -24.91
C THR B 210 3.76 15.71 -23.96
N GLY B 211 3.56 15.93 -22.68
CA GLY B 211 3.74 14.85 -21.72
C GLY B 211 2.91 13.65 -22.05
N LYS B 212 1.63 13.89 -22.24
CA LYS B 212 0.75 12.81 -22.60
C LYS B 212 1.18 12.11 -23.89
N ALA B 213 2.02 12.80 -24.69
CA ALA B 213 2.47 12.26 -25.97
C ALA B 213 3.52 11.23 -25.86
N LYS B 214 4.64 11.65 -25.34
CA LYS B 214 5.77 10.79 -25.16
C LYS B 214 5.52 9.67 -24.16
N TYR B 215 4.53 9.82 -23.32
CA TYR B 215 4.28 8.75 -22.41
C TYR B 215 3.14 7.97 -22.93
N LYS B 216 3.43 6.75 -23.30
CA LYS B 216 2.46 5.90 -23.87
C LYS B 216 2.95 4.49 -23.95
N ALA B 217 3.08 4.01 -25.19
CA ALA B 217 3.50 2.67 -25.52
C ALA B 217 2.36 1.62 -25.39
P 5GP C . 6.49 -17.99 5.42
O1P 5GP C . 6.38 -18.71 6.70
O2P 5GP C . 7.81 -17.31 5.20
O3P 5GP C . 5.98 -18.76 4.25
O5' 5GP C . 5.43 -16.82 5.63
C5' 5GP C . 5.00 -16.51 6.94
C4' 5GP C . 4.05 -15.33 6.98
O4' 5GP C . 3.24 -15.50 8.17
C3' 5GP C . 4.71 -13.93 7.12
O3' 5GP C . 4.81 -13.20 5.84
C2' 5GP C . 3.74 -13.20 8.05
O2' 5GP C . 2.68 -12.58 7.36
C1' 5GP C . 3.27 -14.33 8.96
N9 5GP C . 4.23 -14.49 10.02
C8 5GP C . 5.39 -15.22 10.06
N7 5GP C . 6.13 -14.92 11.08
C5 5GP C . 5.47 -13.87 11.74
C6 5GP C . 5.77 -13.17 12.95
O6 5GP C . 6.68 -13.39 13.76
N1 5GP C . 4.84 -12.17 13.25
C2 5GP C . 3.70 -11.93 12.50
N2 5GP C . 2.87 -10.99 13.01
N3 5GP C . 3.37 -12.60 11.39
C4 5GP C . 4.30 -13.55 11.06
P 5GP D . -14.11 6.55 -13.78
O1P 5GP D . -14.58 5.15 -13.87
O2P 5GP D . -14.03 7.25 -15.10
O3P 5GP D . -14.73 7.34 -12.70
O5' 5GP D . -12.61 6.33 -13.31
C5' 5GP D . -11.78 6.05 -14.44
C4' 5GP D . -10.33 5.95 -14.03
O4' 5GP D . -9.44 6.58 -15.01
C3' 5GP D . -10.06 6.70 -12.77
O3' 5GP D . -10.51 5.92 -11.75
C2' 5GP D . -8.54 6.72 -12.82
O2' 5GP D . -8.00 5.42 -12.62
C1' 5GP D . -8.36 7.20 -14.27
N9 5GP D . -8.51 8.65 -14.36
C8 5GP D . -9.53 9.58 -14.32
N7 5GP D . -9.08 10.81 -14.35
C5 5GP D . -7.71 10.68 -14.36
C6 5GP D . -6.71 11.67 -14.37
O6 5GP D . -6.84 12.89 -14.32
N1 5GP D . -5.43 11.14 -14.36
C2 5GP D . -5.16 9.82 -14.21
N2 5GP D . -3.87 9.55 -14.23
N3 5GP D . -6.07 8.86 -14.20
C4 5GP D . -7.34 9.36 -14.29
#